data_6XYS
#
_entry.id   6XYS
#
_cell.length_a   94.620
_cell.length_b   94.620
_cell.length_c   159.010
_cell.angle_alpha   90.000
_cell.angle_beta   90.000
_cell.angle_gamma   90.000
#
_symmetry.space_group_name_H-M   'P 43 21 2'
#
loop_
_entity.id
_entity.type
_entity.pdbx_description
1 polymer Acetylcholinesterase
2 branched alpha-D-mannopyranose-(1-3)-beta-D-mannopyranose-(1-3)-alpha-D-mannopyranose-(1-4)-2-acetamido-2-deoxy-beta-D-glucopyranose-(1-4)-2-acetamido-2-deoxy-beta-D-glucopyranose
3 non-polymer 'CHLORIDE ION'
4 non-polymer 'ACETATE ION'
5 water water
#
_entity_poly.entity_id   1
_entity_poly.type   'polypeptide(L)'
_entity_poly.pdbx_seq_one_letter_code
;VIDRLVVQTSSGPVRGRSVTVQGREVHVYTGIPYAKPPVEDLRFRKPVPAEPWHGVLDATGLSATCVQERYEYFPGFSGE
EIWNPNTNVSEDCLYINVWAPAKARLRHGRGANGGEHPNGKQADTDHLIHNGNPQNTTNGLPILIWIYGGGFMTGSATLD
IYNADIMAAVGNVIVASFQYRVGAFGFLHLAPEMPSEFAEEAPGNVGLWDQALAIRWLKDNAHAFGGNPEWMTLFGESAG
SSSVNAQLMSPVTRGLVKRGMMQSGTMNAPWSHMTSEKAVEIGKALINDCNCNASMLKTNPAHVMSCMRSVDAKTISVQQ
WNSYSGILSFPSAPTIDGAFLPADPMTLMKTADLKDYDILMGNVRDEGTYFLLYDFIDYFDKDDATALPRDKYLEIMNNI
FGKATQAEREAIIFQYTSWEGNPGYQNQQQIGRAVGDHFFTCPTNEYAQALAERGASVHYYYFTHRTSTSLWGEWMGVLH
GDEIEYFFGQPLNNSLQYRPVERELGKRMLSAVIEFAKTGNPAQDGEEWPNFSKEDPVYYIFSTDDKIEKLARGPLAARC
SFWNDYLPKVRSWAGTCDGDS
;
_entity_poly.pdbx_strand_id   A
#
# COMPACT_ATOMS: atom_id res chain seq x y z
N ASP A 3 -27.64 24.56 -2.21
CA ASP A 3 -26.19 24.51 -2.22
C ASP A 3 -25.71 23.47 -3.24
N ARG A 4 -25.20 23.94 -4.39
CA ARG A 4 -24.67 23.06 -5.43
C ARG A 4 -23.46 22.27 -4.99
N LEU A 5 -22.85 22.64 -3.87
CA LEU A 5 -21.77 21.88 -3.27
C LEU A 5 -22.26 20.88 -2.24
N VAL A 6 -23.51 20.46 -2.36
CA VAL A 6 -24.10 19.48 -1.46
C VAL A 6 -24.50 18.26 -2.26
N VAL A 7 -24.07 17.10 -1.78
CA VAL A 7 -24.52 15.81 -2.31
C VAL A 7 -25.29 15.11 -1.20
N GLN A 8 -26.46 14.57 -1.54
CA GLN A 8 -27.17 13.73 -0.59
C GLN A 8 -26.63 12.32 -0.71
N THR A 9 -25.95 11.85 0.34
CA THR A 9 -25.43 10.48 0.34
C THR A 9 -26.43 9.55 1.01
N SER A 10 -26.22 8.25 0.77
CA SER A 10 -27.05 7.21 1.39
C SER A 10 -27.16 7.39 2.89
N SER A 11 -26.23 8.11 3.51
CA SER A 11 -26.25 8.36 4.95
C SER A 11 -26.56 9.81 5.29
N GLY A 12 -26.85 10.65 4.31
CA GLY A 12 -27.11 12.05 4.57
C GLY A 12 -26.55 13.00 3.53
N PRO A 13 -27.10 14.23 3.49
CA PRO A 13 -26.49 15.29 2.68
C PRO A 13 -25.10 15.63 3.21
N VAL A 14 -24.19 15.95 2.29
CA VAL A 14 -22.85 16.41 2.64
C VAL A 14 -22.50 17.61 1.79
N ARG A 15 -21.71 18.50 2.38
CA ARG A 15 -21.27 19.73 1.74
C ARG A 15 -19.76 19.65 1.56
N GLY A 16 -19.30 19.86 0.34
CA GLY A 16 -17.88 19.89 0.05
C GLY A 16 -17.41 21.26 -0.40
N ARG A 17 -16.15 21.32 -0.80
CA ARG A 17 -15.57 22.53 -1.33
C ARG A 17 -15.45 22.44 -2.84
N SER A 18 -15.48 23.59 -3.50
CA SER A 18 -15.13 23.68 -4.91
C SER A 18 -13.66 24.06 -5.06
N VAL A 19 -12.99 23.39 -5.98
CA VAL A 19 -11.63 23.72 -6.39
C VAL A 19 -11.60 23.73 -7.90
N THR A 20 -10.91 24.70 -8.47
CA THR A 20 -10.72 24.76 -9.91
C THR A 20 -9.24 24.43 -10.18
N VAL A 21 -9.01 23.23 -10.69
CA VAL A 21 -7.67 22.73 -11.02
C VAL A 21 -7.59 22.59 -12.53
N GLN A 22 -6.67 23.32 -13.14
CA GLN A 22 -6.31 23.04 -14.53
C GLN A 22 -7.52 23.13 -15.45
N GLY A 23 -8.38 24.13 -15.22
CA GLY A 23 -9.51 24.37 -16.08
C GLY A 23 -10.80 23.69 -15.65
N ARG A 24 -10.72 22.56 -14.97
CA ARG A 24 -11.92 21.89 -14.49
C ARG A 24 -12.23 22.30 -13.04
N GLU A 25 -13.52 22.32 -12.71
CA GLU A 25 -13.96 22.50 -11.34
C GLU A 25 -14.13 21.12 -10.71
N VAL A 26 -13.63 20.96 -9.48
CA VAL A 26 -13.76 19.70 -8.74
C VAL A 26 -14.39 20.00 -7.39
N HIS A 27 -15.41 19.24 -7.01
CA HIS A 27 -16.03 19.36 -5.70
C HIS A 27 -15.43 18.28 -4.81
N VAL A 28 -14.63 18.69 -3.83
CA VAL A 28 -13.85 17.77 -3.01
C VAL A 28 -14.48 17.68 -1.63
N TYR A 29 -15.07 16.53 -1.34
CA TYR A 29 -15.74 16.22 -0.07
C TYR A 29 -14.82 15.35 0.77
N THR A 30 -14.27 15.90 1.86
CA THR A 30 -13.42 15.14 2.78
C THR A 30 -14.08 15.02 4.15
N GLY A 31 -14.00 13.81 4.71
CA GLY A 31 -14.48 13.54 6.05
C GLY A 31 -15.83 12.86 6.17
N ILE A 32 -16.37 12.31 5.09
CA ILE A 32 -17.67 11.63 5.18
C ILE A 32 -17.51 10.36 6.01
N PRO A 33 -18.25 10.17 7.08
CA PRO A 33 -18.14 8.91 7.82
C PRO A 33 -18.75 7.77 7.03
N TYR A 34 -18.06 6.62 7.07
CA TYR A 34 -18.58 5.43 6.40
C TYR A 34 -18.80 4.28 7.35
N ALA A 35 -18.41 4.43 8.61
CA ALA A 35 -18.68 3.45 9.64
C ALA A 35 -18.83 4.21 10.94
N LYS A 36 -19.42 3.55 11.94
CA LYS A 36 -19.35 4.14 13.27
C LYS A 36 -17.89 4.22 13.69
N PRO A 37 -17.49 5.27 14.40
CA PRO A 37 -16.13 5.32 14.91
C PRO A 37 -15.83 4.05 15.70
N PRO A 38 -14.86 3.27 15.24
CA PRO A 38 -14.64 1.95 15.85
C PRO A 38 -14.01 2.05 17.23
N VAL A 39 -14.72 2.64 18.18
CA VAL A 39 -14.16 2.97 19.49
C VAL A 39 -14.90 2.19 20.57
N GLU A 40 -14.30 2.16 21.76
CA GLU A 40 -14.90 1.51 22.91
C GLU A 40 -15.19 0.06 22.61
N ASP A 41 -16.47 -0.26 22.48
CA ASP A 41 -16.89 -1.62 22.20
C ASP A 41 -16.38 -2.08 20.84
N LEU A 42 -16.29 -1.17 19.88
CA LEU A 42 -16.07 -1.51 18.48
C LEU A 42 -14.59 -1.53 18.09
N ARG A 43 -13.68 -1.16 19.00
CA ARG A 43 -12.27 -1.43 18.79
C ARG A 43 -12.06 -2.92 18.57
N PHE A 44 -11.27 -3.27 17.56
CA PHE A 44 -10.89 -4.61 17.13
C PHE A 44 -12.00 -5.33 16.38
N ARG A 45 -13.17 -4.74 16.24
CA ARG A 45 -14.25 -5.48 15.59
C ARG A 45 -14.42 -5.03 14.15
N LYS A 46 -15.14 -5.84 13.39
CA LYS A 46 -15.47 -5.42 12.05
C LYS A 46 -16.22 -4.08 12.10
N PRO A 47 -16.15 -3.29 11.05
CA PRO A 47 -16.82 -2.01 11.07
C PRO A 47 -18.34 -2.19 10.96
N VAL A 48 -19.10 -1.37 11.68
CA VAL A 48 -20.53 -1.25 11.39
C VAL A 48 -20.76 0.01 10.56
N PRO A 49 -21.67 -0.01 9.58
CA PRO A 49 -21.97 1.18 8.81
C PRO A 49 -22.35 2.35 9.70
N ALA A 50 -22.18 3.56 9.17
CA ALA A 50 -22.42 4.74 9.96
C ALA A 50 -23.92 5.01 10.03
N GLU A 51 -24.41 5.31 11.22
CA GLU A 51 -25.82 5.71 11.33
C GLU A 51 -26.03 7.00 10.55
N PRO A 52 -27.13 7.12 9.82
CA PRO A 52 -27.32 8.29 8.94
C PRO A 52 -27.49 9.57 9.74
N TRP A 53 -27.13 10.68 9.10
CA TRP A 53 -27.24 12.01 9.67
C TRP A 53 -28.29 12.80 8.90
N HIS A 54 -28.77 13.87 9.54
CA HIS A 54 -29.87 14.68 9.04
C HIS A 54 -29.41 16.00 8.44
N GLY A 55 -28.73 16.85 9.22
CA GLY A 55 -28.21 18.09 8.69
C GLY A 55 -27.17 17.87 7.62
N VAL A 56 -26.86 18.94 6.88
CA VAL A 56 -25.84 18.82 5.84
C VAL A 56 -24.47 18.71 6.53
N LEU A 57 -23.82 17.55 6.39
CA LEU A 57 -22.54 17.31 7.06
C LEU A 57 -21.45 18.15 6.41
N ASP A 58 -20.62 18.77 7.25
CA ASP A 58 -19.44 19.53 6.83
C ASP A 58 -18.39 18.56 6.33
N ALA A 59 -18.32 18.37 5.01
CA ALA A 59 -17.27 17.59 4.38
C ALA A 59 -16.25 18.49 3.69
N THR A 60 -15.69 19.44 4.43
CA THR A 60 -14.59 20.31 4.00
C THR A 60 -13.34 20.07 4.84
N GLY A 61 -13.47 19.90 6.15
CA GLY A 61 -12.34 19.50 6.95
C GLY A 61 -11.78 18.16 6.52
N LEU A 62 -10.45 18.01 6.65
CA LEU A 62 -9.83 16.72 6.47
C LEU A 62 -10.16 15.78 7.63
N SER A 63 -10.23 14.49 7.32
CA SER A 63 -10.48 13.51 8.36
C SER A 63 -9.39 13.55 9.43
N ALA A 64 -9.67 12.92 10.56
CA ALA A 64 -8.64 12.55 11.52
C ALA A 64 -7.90 11.31 11.02
N THR A 65 -6.60 11.24 11.30
CA THR A 65 -5.77 10.13 10.84
C THR A 65 -5.83 8.96 11.82
N CYS A 66 -5.98 7.75 11.29
CA CYS A 66 -6.07 6.54 12.12
C CYS A 66 -4.88 6.47 13.08
N VAL A 67 -5.05 5.80 14.22
CA VAL A 67 -3.99 5.83 15.23
C VAL A 67 -2.78 5.09 14.69
N GLN A 68 -1.60 5.70 14.85
CA GLN A 68 -0.32 5.21 14.38
C GLN A 68 0.75 6.07 15.02
N GLU A 69 1.94 5.51 15.21
CA GLU A 69 3.05 6.36 15.60
C GLU A 69 3.68 6.98 14.36
N ARG A 70 4.67 7.85 14.54
CA ARG A 70 5.25 8.50 13.38
C ARG A 70 6.77 8.51 13.44
N TYR A 71 7.37 8.21 12.29
CA TYR A 71 8.81 8.19 12.15
C TYR A 71 9.40 9.59 12.29
N GLU A 72 10.41 9.73 13.14
CA GLU A 72 11.19 10.95 13.07
C GLU A 72 12.66 10.64 13.28
N TYR A 73 13.18 9.72 12.49
CA TYR A 73 14.62 9.49 12.41
C TYR A 73 15.34 10.64 11.75
N PHE A 74 14.61 11.63 11.23
CA PHE A 74 15.21 12.82 10.61
C PHE A 74 14.39 14.03 11.04
N PRO A 75 14.79 14.71 12.10
CA PRO A 75 13.94 15.75 12.67
C PRO A 75 13.93 16.98 11.78
N GLY A 76 12.74 17.46 11.48
CA GLY A 76 12.61 18.61 10.58
C GLY A 76 12.62 18.21 9.13
N PHE A 77 13.61 17.42 8.72
CA PHE A 77 13.75 16.92 7.36
C PHE A 77 12.37 16.60 6.82
N SER A 78 11.87 17.46 5.94
CA SER A 78 10.50 17.34 5.47
C SER A 78 10.24 15.94 4.93
N GLY A 79 11.15 15.44 4.08
CA GLY A 79 10.95 14.20 3.34
C GLY A 79 10.45 13.01 4.15
N GLU A 80 10.73 13.03 5.45
CA GLU A 80 10.21 12.00 6.35
C GLU A 80 8.82 12.35 6.85
N GLU A 81 8.62 13.60 7.27
CA GLU A 81 7.33 13.96 7.83
C GLU A 81 6.22 13.97 6.79
N ILE A 82 6.55 13.91 5.50
CA ILE A 82 5.49 13.86 4.49
C ILE A 82 4.76 12.53 4.49
N TRP A 83 5.29 11.54 5.19
N TRP A 83 5.28 11.53 5.18
CA TRP A 83 4.64 10.25 5.41
CA TRP A 83 4.59 10.27 5.39
C TRP A 83 4.00 10.16 6.78
C TRP A 83 4.05 10.13 6.81
N ASN A 84 4.11 11.18 7.57
CA ASN A 84 3.58 11.23 8.92
C ASN A 84 2.21 11.91 8.95
N PRO A 85 1.35 11.58 9.91
CA PRO A 85 -0.01 12.12 9.91
C PRO A 85 0.00 13.64 9.95
N ASN A 86 -0.63 14.23 8.94
CA ASN A 86 -0.83 15.68 8.86
C ASN A 86 -2.05 16.14 9.65
N THR A 87 -2.87 15.22 10.15
CA THR A 87 -4.01 15.59 10.97
C THR A 87 -4.01 14.83 12.28
N ASN A 88 -4.93 15.24 13.15
CA ASN A 88 -5.07 14.64 14.46
C ASN A 88 -5.28 13.14 14.32
N VAL A 89 -4.63 12.40 15.20
CA VAL A 89 -4.66 10.94 15.22
C VAL A 89 -5.67 10.49 16.27
N SER A 90 -6.72 9.80 15.85
CA SER A 90 -7.71 9.25 16.77
C SER A 90 -8.28 7.97 16.17
N GLU A 91 -8.79 7.10 17.05
CA GLU A 91 -9.50 5.93 16.53
C GLU A 91 -10.69 6.34 15.68
N ASP A 92 -11.33 7.46 16.03
CA ASP A 92 -12.36 8.09 15.22
C ASP A 92 -11.71 8.52 13.91
N CYS A 93 -11.73 7.64 12.93
CA CYS A 93 -10.90 7.86 11.75
C CYS A 93 -11.48 7.25 10.49
N LEU A 94 -12.53 6.45 10.66
CA LEU A 94 -13.19 5.76 9.57
C LEU A 94 -14.04 6.76 8.79
N TYR A 95 -13.36 7.56 7.95
CA TYR A 95 -14.04 8.50 7.06
C TYR A 95 -13.55 8.34 5.62
N ILE A 96 -14.40 8.81 4.70
CA ILE A 96 -14.18 8.72 3.25
C ILE A 96 -13.89 10.11 2.72
N ASN A 97 -13.15 10.17 1.62
CA ASN A 97 -12.96 11.40 0.88
C ASN A 97 -13.33 11.12 -0.58
N VAL A 98 -13.98 12.09 -1.22
CA VAL A 98 -14.49 11.95 -2.58
C VAL A 98 -14.19 13.21 -3.38
N TRP A 99 -13.54 13.03 -4.54
CA TRP A 99 -13.26 14.10 -5.49
C TRP A 99 -14.20 13.91 -6.68
N ALA A 100 -15.03 14.91 -6.96
CA ALA A 100 -15.99 14.79 -8.05
C ALA A 100 -15.92 16.00 -8.95
N PRO A 101 -15.65 15.83 -10.23
CA PRO A 101 -15.66 16.97 -11.16
C PRO A 101 -17.06 17.53 -11.32
N ALA A 102 -17.13 18.82 -11.69
CA ALA A 102 -18.41 19.52 -11.85
C ALA A 102 -19.03 19.25 -13.23
N ASN A 139 -23.03 7.23 -18.65
CA ASN A 139 -23.77 6.66 -17.51
C ASN A 139 -22.98 6.84 -16.20
N GLY A 140 -22.23 7.91 -16.11
CA GLY A 140 -21.46 8.08 -14.89
C GLY A 140 -19.96 8.03 -15.17
N LEU A 141 -19.23 8.88 -14.44
CA LEU A 141 -17.78 8.99 -14.57
C LEU A 141 -17.08 7.80 -13.89
N PRO A 142 -15.84 7.48 -14.31
CA PRO A 142 -15.12 6.37 -13.68
C PRO A 142 -14.65 6.71 -12.27
N ILE A 143 -14.57 5.68 -11.43
CA ILE A 143 -14.27 5.84 -10.00
C ILE A 143 -12.92 5.21 -9.73
N LEU A 144 -11.97 6.00 -9.24
CA LEU A 144 -10.69 5.49 -8.77
C LEU A 144 -10.64 5.60 -7.25
N ILE A 145 -10.46 4.49 -6.57
CA ILE A 145 -10.43 4.46 -5.11
C ILE A 145 -8.99 4.25 -4.69
N TRP A 146 -8.49 5.16 -3.86
CA TRP A 146 -7.09 5.13 -3.44
C TRP A 146 -6.96 4.51 -2.07
N ILE A 147 -6.12 3.47 -1.97
CA ILE A 147 -5.79 2.85 -0.69
C ILE A 147 -4.35 3.18 -0.37
N TYR A 148 -4.14 3.85 0.76
CA TYR A 148 -2.78 4.26 1.03
C TYR A 148 -1.99 3.09 1.59
N GLY A 149 -0.66 3.21 1.51
CA GLY A 149 0.24 2.20 2.01
C GLY A 149 0.82 2.57 3.36
N GLY A 150 1.80 1.79 3.78
CA GLY A 150 2.42 2.06 5.06
C GLY A 150 2.52 0.81 5.90
N GLY A 151 2.57 -0.33 5.22
CA GLY A 151 2.84 -1.58 5.91
C GLY A 151 1.78 -1.96 6.91
N PHE A 152 0.54 -1.57 6.67
CA PHE A 152 -0.57 -1.89 7.57
C PHE A 152 -0.27 -1.42 8.99
N MET A 153 0.41 -0.26 9.08
CA MET A 153 0.96 0.20 10.35
C MET A 153 1.02 1.73 10.38
N THR A 154 0.75 2.36 9.25
CA THR A 154 1.00 3.77 9.02
C THR A 154 0.16 4.18 7.81
N GLY A 155 0.08 5.47 7.58
CA GLY A 155 -0.58 5.89 6.37
C GLY A 155 -1.88 6.59 6.69
N SER A 156 -2.28 7.50 5.80
CA SER A 156 -3.49 8.28 5.96
C SER A 156 -3.94 8.67 4.57
N ALA A 157 -5.26 8.69 4.34
CA ALA A 157 -5.74 9.15 3.04
C ALA A 157 -5.55 10.65 2.85
N THR A 158 -5.05 11.38 3.85
CA THR A 158 -5.11 12.83 3.85
C THR A 158 -3.77 13.50 3.58
N LEU A 159 -2.67 12.75 3.51
CA LEU A 159 -1.38 13.35 3.18
C LEU A 159 -1.47 14.01 1.81
N ASP A 160 -0.86 15.19 1.69
CA ASP A 160 -0.99 15.92 0.44
C ASP A 160 -0.42 15.14 -0.74
N ILE A 161 0.54 14.26 -0.46
CA ILE A 161 1.01 13.35 -1.50
C ILE A 161 -0.17 12.66 -2.18
N TYR A 162 -1.25 12.38 -1.44
CA TYR A 162 -2.42 11.69 -1.97
C TYR A 162 -3.50 12.63 -2.49
N ASN A 163 -3.21 13.92 -2.62
CA ASN A 163 -4.21 14.83 -3.12
C ASN A 163 -4.63 14.44 -4.51
N ALA A 164 -5.90 14.09 -4.65
CA ALA A 164 -6.46 13.70 -5.94
C ALA A 164 -7.05 14.86 -6.73
N ASP A 165 -6.72 16.12 -6.38
CA ASP A 165 -7.32 17.25 -7.10
C ASP A 165 -6.96 17.21 -8.59
N ILE A 166 -5.68 17.06 -8.89
CA ILE A 166 -5.24 17.07 -10.29
C ILE A 166 -5.76 15.85 -11.03
N MET A 167 -5.75 14.69 -10.39
CA MET A 167 -6.22 13.48 -11.05
C MET A 167 -7.68 13.60 -11.46
N ALA A 168 -8.53 14.07 -10.54
CA ALA A 168 -9.94 14.27 -10.86
C ALA A 168 -10.12 15.27 -11.99
N ALA A 169 -9.46 16.42 -11.91
CA ALA A 169 -9.69 17.45 -12.91
C ALA A 169 -9.15 17.02 -14.28
N VAL A 170 -7.86 16.66 -14.32
CA VAL A 170 -7.22 16.31 -15.59
C VAL A 170 -7.81 15.02 -16.14
N GLY A 171 -7.93 14.00 -15.30
CA GLY A 171 -8.47 12.73 -15.77
C GLY A 171 -9.96 12.70 -15.90
N ASN A 172 -10.65 13.75 -15.48
CA ASN A 172 -12.11 13.81 -15.45
C ASN A 172 -12.69 12.50 -14.96
N VAL A 173 -12.36 12.21 -13.70
CA VAL A 173 -12.74 10.96 -13.07
C VAL A 173 -13.01 11.27 -11.62
N ILE A 174 -13.75 10.39 -10.98
CA ILE A 174 -14.00 10.50 -9.55
C ILE A 174 -12.93 9.71 -8.84
N VAL A 175 -12.17 10.40 -8.00
CA VAL A 175 -11.24 9.74 -7.10
C VAL A 175 -11.83 9.77 -5.69
N ALA A 176 -11.79 8.61 -5.02
CA ALA A 176 -12.15 8.54 -3.62
C ALA A 176 -11.00 7.93 -2.85
N SER A 177 -10.99 8.18 -1.53
CA SER A 177 -10.05 7.52 -0.63
C SER A 177 -10.70 7.45 0.74
N PHE A 178 -9.98 6.86 1.68
CA PHE A 178 -10.57 6.58 2.97
C PHE A 178 -9.52 6.03 3.90
N GLN A 179 -9.61 6.40 5.17
CA GLN A 179 -8.84 5.76 6.21
C GLN A 179 -9.39 4.36 6.48
N TYR A 180 -8.47 3.42 6.68
CA TYR A 180 -8.76 2.09 7.20
C TYR A 180 -7.91 1.92 8.45
N ARG A 181 -8.43 1.17 9.42
CA ARG A 181 -7.66 0.96 10.65
C ARG A 181 -6.37 0.21 10.34
N VAL A 182 -5.24 0.75 10.82
CA VAL A 182 -3.92 0.16 10.64
C VAL A 182 -3.34 -0.15 12.00
N GLY A 183 -2.20 -0.85 11.97
CA GLY A 183 -1.58 -1.29 13.20
C GLY A 183 -2.43 -2.35 13.89
N ALA A 184 -2.16 -2.52 15.18
CA ALA A 184 -2.98 -3.43 15.96
C ALA A 184 -4.45 -3.06 15.93
N PHE A 185 -4.80 -1.81 15.56
CA PHE A 185 -6.20 -1.39 15.55
C PHE A 185 -6.95 -2.04 14.41
N GLY A 186 -6.24 -2.42 13.33
CA GLY A 186 -6.87 -2.96 12.15
C GLY A 186 -6.70 -4.46 11.98
N PHE A 187 -5.74 -5.06 12.73
CA PHE A 187 -5.27 -6.37 12.36
C PHE A 187 -5.03 -7.34 13.51
N LEU A 188 -5.32 -6.95 14.73
CA LEU A 188 -5.22 -7.87 15.84
C LEU A 188 -6.12 -9.08 15.60
N HIS A 189 -5.59 -10.28 15.84
CA HIS A 189 -6.22 -11.54 15.43
C HIS A 189 -6.12 -12.51 16.59
N LEU A 190 -7.29 -12.87 17.18
CA LEU A 190 -7.29 -13.78 18.32
C LEU A 190 -8.43 -14.79 18.34
N ALA A 191 -9.24 -14.89 17.29
CA ALA A 191 -10.38 -15.79 17.36
C ALA A 191 -9.96 -17.25 17.57
N PRO A 192 -8.93 -17.78 16.91
CA PRO A 192 -8.48 -19.14 17.23
C PRO A 192 -8.26 -19.40 18.71
N GLU A 193 -7.68 -18.43 19.44
CA GLU A 193 -7.45 -18.64 20.86
C GLU A 193 -8.68 -18.43 21.72
N MET A 194 -9.82 -18.05 21.12
CA MET A 194 -11.04 -17.87 21.89
C MET A 194 -12.06 -18.91 21.50
N PRO A 195 -12.99 -19.22 22.40
CA PRO A 195 -14.15 -20.03 22.02
C PRO A 195 -14.91 -19.44 20.86
N SER A 196 -15.84 -20.24 20.31
CA SER A 196 -16.53 -19.86 19.09
C SER A 196 -17.36 -18.59 19.28
N GLU A 197 -18.08 -18.51 20.41
CA GLU A 197 -18.96 -17.38 20.64
C GLU A 197 -18.22 -16.05 20.52
N PHE A 198 -16.93 -16.04 20.86
CA PHE A 198 -16.12 -14.83 20.82
C PHE A 198 -15.49 -14.58 19.46
N ALA A 199 -16.03 -15.18 18.39
CA ALA A 199 -15.41 -15.04 17.08
C ALA A 199 -15.30 -13.57 16.67
N GLU A 200 -16.37 -12.81 16.83
CA GLU A 200 -16.34 -11.44 16.34
C GLU A 200 -15.63 -10.48 17.28
N GLU A 201 -14.97 -11.00 18.30
CA GLU A 201 -14.27 -10.16 19.26
C GLU A 201 -12.97 -9.61 18.69
N ALA A 202 -12.19 -10.45 18.02
CA ALA A 202 -10.96 -10.03 17.37
C ALA A 202 -10.67 -10.94 16.17
N PRO A 203 -11.52 -10.87 15.13
CA PRO A 203 -11.35 -11.79 14.00
C PRO A 203 -10.06 -11.59 13.24
N GLY A 204 -9.47 -10.41 13.34
CA GLY A 204 -8.42 -9.97 12.46
C GLY A 204 -8.95 -9.43 11.16
N ASN A 205 -8.15 -8.57 10.54
CA ASN A 205 -8.32 -8.03 9.20
C ASN A 205 -9.36 -6.94 9.15
N VAL A 206 -9.78 -6.39 10.29
CA VAL A 206 -10.90 -5.44 10.29
C VAL A 206 -10.54 -4.21 9.45
N GLY A 207 -9.25 -3.83 9.46
CA GLY A 207 -8.75 -2.83 8.50
C GLY A 207 -9.11 -3.12 7.06
N LEU A 208 -9.06 -4.40 6.66
CA LEU A 208 -9.46 -4.77 5.30
C LEU A 208 -10.97 -4.73 5.15
N TRP A 209 -11.67 -5.24 6.15
CA TRP A 209 -13.12 -5.05 6.22
C TRP A 209 -13.49 -3.58 6.15
N ASP A 210 -12.76 -2.71 6.85
CA ASP A 210 -12.96 -1.27 6.72
C ASP A 210 -12.96 -0.85 5.26
N GLN A 211 -11.86 -1.14 4.56
CA GLN A 211 -11.75 -0.91 3.12
C GLN A 211 -12.91 -1.53 2.38
N ALA A 212 -13.22 -2.80 2.66
CA ALA A 212 -14.36 -3.43 2.03
C ALA A 212 -15.60 -2.57 2.20
N LEU A 213 -15.90 -2.19 3.46
CA LEU A 213 -17.02 -1.31 3.76
C LEU A 213 -16.93 0.00 2.99
N ALA A 214 -15.78 0.67 3.07
CA ALA A 214 -15.61 1.95 2.36
C ALA A 214 -15.89 1.79 0.88
N ILE A 215 -15.30 0.75 0.28
CA ILE A 215 -15.55 0.44 -1.13
C ILE A 215 -17.01 0.15 -1.36
N ARG A 216 -17.64 -0.62 -0.47
CA ARG A 216 -19.06 -0.87 -0.62
C ARG A 216 -19.85 0.44 -0.54
N TRP A 217 -19.47 1.31 0.40
CA TRP A 217 -20.08 2.64 0.49
C TRP A 217 -19.97 3.38 -0.83
N LEU A 218 -18.81 3.29 -1.49
CA LEU A 218 -18.58 4.07 -2.70
C LEU A 218 -19.39 3.54 -3.88
N LYS A 219 -19.59 2.23 -3.97
CA LYS A 219 -20.47 1.70 -5.00
C LYS A 219 -21.91 2.18 -4.78
N ASP A 220 -22.36 2.19 -3.53
CA ASP A 220 -23.72 2.63 -3.23
C ASP A 220 -23.94 4.07 -3.64
N ASN A 221 -22.94 4.93 -3.42
CA ASN A 221 -23.10 6.36 -3.61
C ASN A 221 -22.40 6.85 -4.85
N ALA A 222 -21.98 5.91 -5.71
CA ALA A 222 -21.33 6.26 -6.97
C ALA A 222 -22.16 7.26 -7.74
N HIS A 223 -23.41 6.90 -8.03
CA HIS A 223 -24.26 7.76 -8.84
C HIS A 223 -24.43 9.13 -8.18
N ALA A 224 -24.50 9.18 -6.85
CA ALA A 224 -24.81 10.45 -6.17
C ALA A 224 -23.69 11.46 -6.32
N PHE A 225 -22.49 11.02 -6.66
CA PHE A 225 -21.35 11.91 -6.90
C PHE A 225 -21.03 12.07 -8.37
N GLY A 226 -21.83 11.47 -9.25
CA GLY A 226 -21.60 11.55 -10.67
C GLY A 226 -20.83 10.40 -11.27
N GLY A 227 -20.74 9.27 -10.58
CA GLY A 227 -19.95 8.19 -11.10
C GLY A 227 -20.68 6.91 -11.44
N ASN A 228 -20.04 6.12 -12.30
CA ASN A 228 -20.54 4.80 -12.65
C ASN A 228 -20.07 3.81 -11.60
N PRO A 229 -20.97 3.21 -10.82
CA PRO A 229 -20.52 2.23 -9.81
C PRO A 229 -19.86 0.99 -10.40
N GLU A 230 -20.19 0.62 -11.63
CA GLU A 230 -19.57 -0.55 -12.23
C GLU A 230 -18.20 -0.23 -12.83
N TRP A 231 -17.93 1.05 -13.09
CA TRP A 231 -16.67 1.52 -13.63
C TRP A 231 -15.62 1.81 -12.54
N MET A 232 -15.51 0.97 -11.53
CA MET A 232 -14.61 1.27 -10.43
C MET A 232 -13.25 0.63 -10.62
N THR A 233 -12.25 1.29 -10.05
CA THR A 233 -10.87 0.90 -10.17
C THR A 233 -10.22 1.15 -8.83
N LEU A 234 -9.61 0.12 -8.23
CA LEU A 234 -8.79 0.31 -7.06
C LEU A 234 -7.37 0.62 -7.48
N PHE A 235 -6.68 1.40 -6.66
CA PHE A 235 -5.27 1.63 -6.91
C PHE A 235 -4.64 2.09 -5.61
N GLY A 236 -3.42 1.62 -5.38
CA GLY A 236 -2.74 1.86 -4.13
C GLY A 236 -1.27 1.52 -4.27
N GLU A 237 -0.54 1.84 -3.20
CA GLU A 237 0.90 1.78 -3.20
C GLU A 237 1.35 1.08 -1.92
N SER A 238 2.25 0.10 -2.06
CA SER A 238 2.80 -0.71 -0.94
C SER A 238 1.65 -1.48 -0.28
N ALA A 239 1.47 -1.38 1.04
CA ALA A 239 0.32 -1.99 1.71
C ALA A 239 -1.01 -1.59 1.07
N GLY A 240 -1.11 -0.34 0.60
CA GLY A 240 -2.28 0.02 -0.19
C GLY A 240 -2.42 -0.83 -1.44
N SER A 241 -1.30 -0.96 -2.18
CA SER A 241 -1.23 -1.87 -3.31
C SER A 241 -1.64 -3.28 -2.90
N SER A 242 -1.10 -3.76 -1.79
CA SER A 242 -1.52 -5.05 -1.28
C SER A 242 -3.00 -5.06 -0.91
N SER A 243 -3.50 -3.96 -0.37
CA SER A 243 -4.91 -3.93 0.01
C SER A 243 -5.81 -3.98 -1.21
N VAL A 244 -5.47 -3.20 -2.24
CA VAL A 244 -6.15 -3.39 -3.52
C VAL A 244 -6.20 -4.88 -3.86
N ASN A 245 -5.02 -5.54 -3.82
CA ASN A 245 -4.91 -6.97 -4.13
C ASN A 245 -5.95 -7.78 -3.35
N ALA A 246 -5.95 -7.62 -2.03
CA ALA A 246 -6.87 -8.36 -1.18
C ALA A 246 -8.32 -8.06 -1.55
N GLN A 247 -8.65 -6.77 -1.70
CA GLN A 247 -10.01 -6.43 -2.10
C GLN A 247 -10.40 -7.08 -3.41
N LEU A 248 -9.45 -7.25 -4.34
CA LEU A 248 -9.79 -7.89 -5.60
C LEU A 248 -9.96 -9.40 -5.45
N MET A 249 -9.13 -10.05 -4.64
CA MET A 249 -9.12 -11.51 -4.58
C MET A 249 -10.05 -12.08 -3.53
N SER A 250 -10.38 -11.31 -2.52
CA SER A 250 -11.06 -11.88 -1.38
C SER A 250 -12.42 -12.42 -1.81
N PRO A 251 -12.76 -13.64 -1.42
CA PRO A 251 -14.15 -14.08 -1.58
C PRO A 251 -15.15 -13.14 -0.94
N VAL A 252 -14.75 -12.41 0.12
CA VAL A 252 -15.67 -11.49 0.77
C VAL A 252 -16.17 -10.43 -0.21
N THR A 253 -15.25 -9.85 -0.96
CA THR A 253 -15.52 -8.70 -1.80
C THR A 253 -15.55 -9.00 -3.28
N ARG A 254 -15.35 -10.25 -3.68
CA ARG A 254 -14.95 -10.50 -5.06
C ARG A 254 -16.11 -10.24 -6.01
N GLY A 255 -15.79 -9.63 -7.14
CA GLY A 255 -16.77 -9.12 -8.05
C GLY A 255 -17.09 -7.64 -7.84
N LEU A 256 -16.97 -7.15 -6.60
CA LEU A 256 -17.25 -5.74 -6.33
C LEU A 256 -16.49 -4.85 -7.30
N VAL A 257 -15.21 -5.14 -7.52
CA VAL A 257 -14.45 -4.45 -8.57
C VAL A 257 -13.33 -5.38 -9.05
N LYS A 258 -13.21 -5.49 -10.38
CA LYS A 258 -12.22 -6.38 -10.98
C LYS A 258 -11.20 -5.58 -11.79
N ARG A 259 -10.86 -4.38 -11.35
CA ARG A 259 -9.88 -3.55 -12.04
C ARG A 259 -9.05 -2.83 -11.00
N GLY A 260 -7.77 -3.14 -10.96
CA GLY A 260 -6.92 -2.67 -9.88
C GLY A 260 -5.53 -2.32 -10.37
N MET A 261 -4.96 -1.33 -9.74
CA MET A 261 -3.59 -0.92 -9.93
C MET A 261 -2.86 -1.09 -8.61
N MET A 262 -1.78 -1.85 -8.64
CA MET A 262 -1.03 -2.20 -7.45
C MET A 262 0.40 -1.67 -7.62
N GLN A 263 0.81 -0.77 -6.77
CA GLN A 263 2.10 -0.12 -6.90
C GLN A 263 2.98 -0.68 -5.81
N SER A 264 3.77 -1.68 -6.16
CA SER A 264 4.84 -2.21 -5.32
C SER A 264 4.26 -2.90 -4.08
N GLY A 265 3.19 -3.63 -4.26
CA GLY A 265 2.55 -4.25 -3.12
C GLY A 265 1.64 -5.37 -3.56
N THR A 266 2.06 -6.58 -3.23
CA THR A 266 1.31 -7.77 -3.55
C THR A 266 1.32 -8.66 -2.32
N MET A 267 0.23 -9.39 -2.14
CA MET A 267 0.00 -10.10 -0.90
C MET A 267 0.90 -11.31 -0.72
N ASN A 268 1.46 -11.85 -1.81
CA ASN A 268 2.45 -12.91 -1.68
C ASN A 268 3.74 -12.43 -1.05
N ALA A 269 3.98 -11.12 -1.00
CA ALA A 269 5.22 -10.61 -0.42
C ALA A 269 5.24 -10.90 1.08
N PRO A 270 6.44 -11.10 1.66
CA PRO A 270 6.50 -11.54 3.06
C PRO A 270 5.94 -10.53 4.06
N TRP A 271 6.04 -9.24 3.74
CA TRP A 271 5.51 -8.18 4.57
C TRP A 271 4.01 -7.99 4.41
N SER A 272 3.39 -8.70 3.46
CA SER A 272 2.01 -8.42 3.11
C SER A 272 1.06 -9.57 3.38
N HIS A 273 1.54 -10.64 3.99
CA HIS A 273 0.63 -11.68 4.44
C HIS A 273 1.26 -12.31 5.65
N MET A 274 0.41 -12.97 6.43
CA MET A 274 0.86 -13.53 7.69
C MET A 274 -0.14 -14.60 8.10
N THR A 275 0.41 -15.74 8.52
CA THR A 275 -0.39 -16.84 9.01
C THR A 275 -1.23 -16.40 10.19
N SER A 276 -2.33 -17.12 10.41
CA SER A 276 -3.13 -16.89 11.61
C SER A 276 -2.31 -17.08 12.88
N GLU A 277 -1.52 -18.17 12.96
CA GLU A 277 -0.87 -18.54 14.22
C GLU A 277 0.20 -17.52 14.59
N LYS A 278 0.87 -16.96 13.60
CA LYS A 278 1.79 -15.85 13.86
C LYS A 278 1.04 -14.67 14.45
N ALA A 279 -0.06 -14.24 13.80
CA ALA A 279 -0.82 -13.08 14.28
C ALA A 279 -1.32 -13.28 15.71
N VAL A 280 -1.70 -14.51 16.07
CA VAL A 280 -2.12 -14.80 17.44
C VAL A 280 -0.95 -14.64 18.40
N GLU A 281 0.24 -15.09 18.00
CA GLU A 281 1.42 -14.87 18.83
C GLU A 281 1.68 -13.38 19.03
N ILE A 282 1.76 -12.64 17.92
CA ILE A 282 1.90 -11.19 17.97
C ILE A 282 0.77 -10.58 18.80
N GLY A 283 -0.46 -11.01 18.54
CA GLY A 283 -1.59 -10.46 19.26
C GLY A 283 -1.53 -10.75 20.74
N LYS A 284 -1.12 -11.97 21.09
CA LYS A 284 -1.00 -12.32 22.50
C LYS A 284 0.11 -11.54 23.16
N ALA A 285 1.18 -11.24 22.42
CA ALA A 285 2.25 -10.43 22.96
C ALA A 285 1.74 -9.02 23.28
N LEU A 286 1.12 -8.37 22.29
CA LEU A 286 0.62 -7.02 22.50
C LEU A 286 -0.33 -6.95 23.68
N ILE A 287 -1.23 -7.94 23.83
CA ILE A 287 -2.30 -7.85 24.82
C ILE A 287 -1.82 -8.29 26.19
N ASN A 288 -0.51 -8.27 26.40
CA ASN A 288 0.03 -8.13 27.73
C ASN A 288 1.29 -7.29 27.73
N ASP A 289 1.98 -7.14 26.59
CA ASP A 289 2.71 -5.91 26.33
C ASP A 289 1.92 -4.69 26.81
N CYS A 290 0.59 -4.79 26.76
CA CYS A 290 -0.34 -3.80 27.30
C CYS A 290 -0.89 -4.19 28.67
N ASN A 291 -0.18 -5.05 29.39
CA ASN A 291 -0.48 -5.39 30.80
C ASN A 291 -1.91 -5.88 30.98
N CYS A 292 -2.36 -6.69 30.04
CA CYS A 292 -3.72 -7.17 30.01
C CYS A 292 -3.83 -8.69 30.11
N ASN A 293 -2.81 -9.35 30.69
CA ASN A 293 -2.81 -10.78 30.97
C ASN A 293 -2.48 -11.64 29.75
N ALA A 294 -3.35 -11.62 28.73
CA ALA A 294 -3.12 -12.37 27.48
C ALA A 294 -3.23 -13.89 27.64
N SER A 295 -3.09 -14.41 28.86
CA SER A 295 -3.11 -15.84 29.09
C SER A 295 -4.51 -16.41 29.35
N MET A 296 -5.38 -15.65 30.01
CA MET A 296 -6.73 -16.17 30.25
C MET A 296 -7.64 -15.96 29.05
N LEU A 297 -7.06 -15.61 27.89
CA LEU A 297 -7.76 -15.42 26.62
C LEU A 297 -8.77 -16.52 26.28
N LYS A 298 -8.76 -17.65 26.97
CA LYS A 298 -9.63 -18.74 26.57
C LYS A 298 -10.44 -19.37 27.71
N THR A 299 -10.17 -19.05 28.96
CA THR A 299 -11.10 -19.38 30.03
C THR A 299 -12.06 -18.25 30.38
N ASN A 300 -11.62 -17.02 30.20
CA ASN A 300 -12.41 -15.82 30.41
C ASN A 300 -11.71 -14.76 29.57
N PRO A 301 -11.94 -14.79 28.25
CA PRO A 301 -11.22 -13.86 27.35
C PRO A 301 -11.54 -12.39 27.59
N ALA A 302 -12.57 -11.89 26.90
CA ALA A 302 -12.78 -10.45 26.71
C ALA A 302 -12.85 -9.62 27.99
N HIS A 303 -12.55 -10.20 29.14
CA HIS A 303 -11.99 -9.38 30.20
C HIS A 303 -10.61 -8.91 29.79
N VAL A 304 -9.88 -9.78 29.06
CA VAL A 304 -8.66 -9.36 28.38
C VAL A 304 -8.99 -8.30 27.34
N MET A 305 -10.03 -8.53 26.54
CA MET A 305 -10.49 -7.49 25.62
C MET A 305 -10.91 -6.25 26.40
N SER A 306 -11.89 -6.36 27.32
CA SER A 306 -12.30 -5.21 28.12
C SER A 306 -11.08 -4.44 28.58
N CYS A 307 -10.06 -5.16 29.04
CA CYS A 307 -8.80 -4.52 29.38
C CYS A 307 -8.20 -3.80 28.16
N MET A 308 -8.07 -4.51 27.03
CA MET A 308 -7.58 -3.89 25.80
C MET A 308 -8.54 -2.84 25.25
N ARG A 309 -9.84 -2.91 25.59
CA ARG A 309 -10.76 -1.83 25.20
C ARG A 309 -10.51 -0.56 25.97
N SER A 310 -9.75 -0.61 27.07
CA SER A 310 -9.54 0.57 27.90
C SER A 310 -8.08 0.97 28.01
N VAL A 311 -7.16 0.32 27.28
CA VAL A 311 -5.80 0.86 27.16
C VAL A 311 -5.86 2.07 26.23
N ASP A 312 -5.15 3.14 26.61
CA ASP A 312 -5.04 4.29 25.73
C ASP A 312 -4.46 3.88 24.39
N ALA A 313 -4.95 4.50 23.33
CA ALA A 313 -4.53 4.10 22.00
C ALA A 313 -3.05 4.31 21.80
N LYS A 314 -2.52 5.44 22.29
CA LYS A 314 -1.12 5.74 22.09
C LYS A 314 -0.23 4.60 22.60
N THR A 315 -0.59 3.99 23.72
CA THR A 315 0.28 2.95 24.27
C THR A 315 0.32 1.72 23.36
N ILE A 316 -0.85 1.29 22.86
CA ILE A 316 -0.86 0.24 21.85
C ILE A 316 -0.13 0.70 20.61
N SER A 317 -0.34 1.96 20.23
CA SER A 317 0.28 2.50 19.03
C SER A 317 1.81 2.41 19.11
N VAL A 318 2.38 2.33 20.32
CA VAL A 318 3.82 2.16 20.48
C VAL A 318 4.14 0.73 20.87
N GLN A 319 3.26 0.07 21.62
CA GLN A 319 3.59 -1.26 22.11
C GLN A 319 3.54 -2.30 21.00
N GLN A 320 2.69 -2.06 19.99
CA GLN A 320 2.60 -2.97 18.86
C GLN A 320 3.95 -3.20 18.21
N TRP A 321 4.83 -2.20 18.24
CA TRP A 321 6.08 -2.30 17.50
C TRP A 321 7.11 -3.22 18.15
N ASN A 322 6.86 -3.71 19.36
CA ASN A 322 7.87 -4.53 20.00
C ASN A 322 7.81 -5.98 19.55
N SER A 323 6.76 -6.35 18.84
CA SER A 323 6.76 -7.56 18.02
C SER A 323 7.30 -7.31 16.63
N TYR A 324 7.71 -6.08 16.32
CA TYR A 324 8.39 -5.79 15.05
C TYR A 324 9.89 -5.89 15.26
N SER A 325 10.53 -6.84 14.58
CA SER A 325 11.94 -6.78 14.23
C SER A 325 12.20 -7.92 13.27
N GLY A 326 13.17 -7.70 12.40
CA GLY A 326 13.16 -8.36 11.12
C GLY A 326 12.57 -7.34 10.18
N ILE A 327 13.44 -6.53 9.55
CA ILE A 327 12.96 -5.36 8.83
C ILE A 327 11.97 -5.79 7.78
N LEU A 328 10.87 -5.04 7.70
CA LEU A 328 9.78 -5.28 6.76
C LEU A 328 8.98 -6.52 7.11
N SER A 329 8.97 -6.91 8.37
CA SER A 329 7.95 -7.87 8.83
C SER A 329 7.26 -7.24 10.02
N PHE A 330 6.19 -6.50 9.73
CA PHE A 330 5.42 -5.74 10.69
C PHE A 330 4.49 -6.66 11.49
N PRO A 331 4.07 -6.22 12.68
CA PRO A 331 3.16 -7.04 13.50
C PRO A 331 1.76 -7.18 12.92
N SER A 332 1.37 -6.35 11.98
CA SER A 332 0.03 -6.44 11.41
C SER A 332 0.17 -6.67 9.93
N ALA A 333 -0.68 -7.54 9.39
CA ALA A 333 -0.64 -7.91 7.98
C ALA A 333 -1.95 -8.57 7.61
N PRO A 334 -2.32 -8.55 6.35
CA PRO A 334 -3.42 -9.41 5.94
C PRO A 334 -3.16 -10.81 6.46
N THR A 335 -4.07 -11.26 7.29
CA THR A 335 -3.91 -12.46 8.07
C THR A 335 -4.77 -13.57 7.48
N ILE A 336 -4.18 -14.75 7.30
CA ILE A 336 -4.95 -15.89 6.80
C ILE A 336 -5.94 -16.25 7.90
N ASP A 337 -7.22 -16.09 7.62
CA ASP A 337 -8.23 -16.06 8.68
C ASP A 337 -9.43 -16.94 8.39
N GLY A 338 -9.47 -17.62 7.25
CA GLY A 338 -10.64 -18.39 6.90
C GLY A 338 -11.80 -17.56 6.44
N ALA A 339 -11.59 -16.27 6.20
CA ALA A 339 -12.63 -15.28 5.96
C ALA A 339 -12.23 -14.31 4.86
N PHE A 340 -11.62 -13.18 5.23
CA PHE A 340 -11.19 -12.25 4.20
C PHE A 340 -10.08 -12.86 3.37
N LEU A 341 -9.12 -13.51 4.03
CA LEU A 341 -7.99 -14.21 3.43
C LEU A 341 -8.14 -15.69 3.77
N PRO A 342 -8.93 -16.43 2.99
CA PRO A 342 -9.20 -17.85 3.34
C PRO A 342 -8.00 -18.77 3.19
N ALA A 343 -6.99 -18.40 2.41
CA ALA A 343 -5.80 -19.22 2.28
C ALA A 343 -4.60 -18.31 2.13
N ASP A 344 -3.44 -18.93 2.09
CA ASP A 344 -2.25 -18.24 1.62
C ASP A 344 -2.53 -17.62 0.25
N PRO A 345 -2.02 -16.41 -0.03
CA PRO A 345 -2.30 -15.79 -1.33
C PRO A 345 -1.99 -16.68 -2.53
N MET A 346 -0.85 -17.38 -2.55
CA MET A 346 -0.50 -18.17 -3.73
C MET A 346 -1.37 -19.42 -3.86
N THR A 347 -1.76 -20.05 -2.74
CA THR A 347 -2.77 -21.11 -2.78
C THR A 347 -4.11 -20.60 -3.29
N LEU A 348 -4.54 -19.42 -2.83
CA LEU A 348 -5.76 -18.81 -3.36
C LEU A 348 -5.63 -18.61 -4.86
N MET A 349 -4.45 -18.22 -5.33
CA MET A 349 -4.27 -17.97 -6.74
C MET A 349 -4.47 -19.24 -7.55
N LYS A 350 -4.13 -20.40 -6.99
CA LYS A 350 -4.13 -21.64 -7.78
C LYS A 350 -5.50 -21.92 -8.40
N THR A 351 -6.58 -21.53 -7.73
CA THR A 351 -7.92 -21.78 -8.24
C THR A 351 -8.61 -20.54 -8.79
N ALA A 352 -8.30 -19.35 -8.26
CA ALA A 352 -8.92 -18.12 -8.74
C ALA A 352 -8.89 -18.06 -10.26
N ASP A 353 -9.98 -17.63 -10.87
CA ASP A 353 -9.98 -17.43 -12.31
C ASP A 353 -10.30 -15.97 -12.57
N LEU A 354 -9.27 -15.23 -12.96
CA LEU A 354 -9.28 -13.78 -13.11
C LEU A 354 -9.55 -13.34 -14.54
N LYS A 355 -10.38 -14.12 -15.25
CA LYS A 355 -10.74 -13.84 -16.64
C LYS A 355 -10.92 -12.36 -16.93
N ASP A 356 -11.74 -11.67 -16.15
CA ASP A 356 -12.18 -10.32 -16.48
C ASP A 356 -11.47 -9.27 -15.64
N TYR A 357 -10.30 -9.59 -15.13
CA TYR A 357 -9.57 -8.68 -14.26
C TYR A 357 -8.50 -7.93 -15.07
N ASP A 358 -8.41 -6.61 -14.84
CA ASP A 358 -7.37 -5.77 -15.40
C ASP A 358 -6.49 -5.29 -14.25
N ILE A 359 -5.20 -5.63 -14.33
CA ILE A 359 -4.25 -5.26 -13.30
C ILE A 359 -3.15 -4.45 -13.96
N LEU A 360 -2.85 -3.32 -13.36
CA LEU A 360 -1.75 -2.47 -13.73
C LEU A 360 -0.87 -2.45 -12.50
N MET A 361 0.31 -3.05 -12.60
CA MET A 361 1.14 -3.18 -11.42
C MET A 361 2.57 -2.87 -11.80
N GLY A 362 3.40 -2.63 -10.79
CA GLY A 362 4.80 -2.39 -11.08
C GLY A 362 5.59 -2.05 -9.84
N ASN A 363 6.76 -1.45 -10.06
CA ASN A 363 7.74 -1.18 -9.02
C ASN A 363 8.55 0.05 -9.40
N VAL A 364 9.28 0.56 -8.43
CA VAL A 364 10.22 1.65 -8.64
C VAL A 364 11.62 1.07 -8.54
N ARG A 365 12.58 1.77 -9.16
CA ARG A 365 13.88 1.14 -9.43
C ARG A 365 14.57 0.73 -8.13
N ASP A 366 14.47 1.55 -7.10
CA ASP A 366 15.24 1.29 -5.89
C ASP A 366 14.32 1.08 -4.69
N GLU A 367 13.31 0.23 -4.88
CA GLU A 367 12.40 -0.22 -3.84
C GLU A 367 12.96 -0.26 -2.42
N GLY A 368 13.88 -1.16 -2.15
CA GLY A 368 14.27 -1.44 -0.79
C GLY A 368 15.13 -0.39 -0.14
N THR A 369 15.45 0.69 -0.83
CA THR A 369 16.44 1.62 -0.29
C THR A 369 15.89 2.55 0.78
N TYR A 370 14.58 2.82 0.78
CA TYR A 370 14.00 3.62 1.87
C TYR A 370 14.10 2.89 3.19
N PHE A 371 13.81 1.59 3.17
CA PHE A 371 13.83 0.78 4.39
C PHE A 371 15.24 0.44 4.83
N LEU A 372 16.16 0.25 3.89
CA LEU A 372 17.56 0.08 4.28
C LEU A 372 18.03 1.26 5.09
N LEU A 373 17.76 2.48 4.62
CA LEU A 373 18.16 3.65 5.39
C LEU A 373 17.50 3.65 6.76
N TYR A 374 16.32 3.03 6.89
CA TYR A 374 15.61 3.15 8.16
C TYR A 374 16.09 2.11 9.17
N ASP A 375 16.02 0.83 8.85
CA ASP A 375 16.39 -0.12 9.89
C ASP A 375 17.90 -0.33 9.99
N PHE A 376 18.69 0.34 9.14
CA PHE A 376 20.14 0.29 9.26
C PHE A 376 20.76 1.68 9.25
N ILE A 377 19.98 2.68 9.70
CA ILE A 377 20.49 4.05 9.80
C ILE A 377 21.83 4.07 10.54
N ASP A 378 22.07 3.07 11.39
CA ASP A 378 23.39 2.91 12.01
C ASP A 378 24.49 2.91 10.97
N TYR A 379 24.23 2.34 9.78
CA TYR A 379 25.28 2.15 8.78
C TYR A 379 25.25 3.16 7.64
N PHE A 380 24.10 3.76 7.34
CA PHE A 380 23.91 4.55 6.14
C PHE A 380 23.47 5.98 6.44
N ASP A 381 23.92 6.89 5.59
CA ASP A 381 23.62 8.30 5.74
C ASP A 381 22.30 8.64 5.06
N LYS A 382 21.59 9.61 5.63
CA LYS A 382 20.36 10.14 5.03
C LYS A 382 20.59 10.59 3.60
N ASP A 383 21.75 11.21 3.35
CA ASP A 383 21.98 12.14 2.24
C ASP A 383 23.12 11.74 1.30
N ASP A 384 24.24 11.25 1.82
CA ASP A 384 25.37 10.86 0.99
C ASP A 384 25.54 9.36 0.99
N ALA A 385 26.26 8.86 -0.02
CA ALA A 385 26.43 7.42 -0.11
C ALA A 385 27.34 6.92 1.02
N THR A 386 27.36 5.60 1.20
CA THR A 386 28.22 4.95 2.17
C THR A 386 29.16 3.98 1.46
N ALA A 387 30.46 4.14 1.70
CA ALA A 387 31.40 3.09 1.32
C ALA A 387 31.16 1.91 2.26
N LEU A 388 30.37 0.95 1.83
CA LEU A 388 30.17 -0.14 2.77
C LEU A 388 31.26 -1.19 2.61
N PRO A 389 31.93 -1.58 3.70
CA PRO A 389 32.91 -2.67 3.63
C PRO A 389 32.29 -4.04 3.40
N ARG A 390 33.10 -5.10 3.51
CA ARG A 390 32.56 -6.45 3.47
C ARG A 390 32.28 -7.01 4.86
N ASP A 391 33.05 -6.58 5.88
CA ASP A 391 32.59 -6.62 7.26
C ASP A 391 31.10 -6.30 7.28
N LYS A 392 30.81 -5.04 6.92
CA LYS A 392 29.49 -4.45 7.02
C LYS A 392 28.52 -4.98 5.97
N TYR A 393 29.01 -5.57 4.88
CA TYR A 393 28.08 -6.13 3.90
C TYR A 393 27.47 -7.43 4.42
N LEU A 394 28.31 -8.36 4.90
CA LEU A 394 27.78 -9.58 5.49
C LEU A 394 27.07 -9.32 6.81
N GLU A 395 27.60 -8.38 7.57
CA GLU A 395 26.89 -7.75 8.67
C GLU A 395 25.41 -7.68 8.37
N ILE A 396 25.10 -6.89 7.35
CA ILE A 396 23.75 -6.47 7.05
C ILE A 396 22.96 -7.58 6.38
N MET A 397 23.59 -8.24 5.39
CA MET A 397 22.90 -9.31 4.69
C MET A 397 22.54 -10.44 5.63
N ASN A 398 23.44 -10.78 6.55
CA ASN A 398 23.19 -11.93 7.40
C ASN A 398 22.07 -11.65 8.38
N ASN A 399 21.94 -10.40 8.83
CA ASN A 399 20.83 -10.06 9.72
C ASN A 399 19.50 -10.16 8.97
N ILE A 400 19.39 -9.46 7.84
CA ILE A 400 18.14 -9.40 7.08
C ILE A 400 17.55 -10.79 6.85
N PHE A 401 18.42 -11.77 6.63
CA PHE A 401 17.99 -13.06 6.10
C PHE A 401 18.23 -14.21 7.06
N GLY A 402 18.48 -13.92 8.35
CA GLY A 402 18.74 -14.98 9.31
C GLY A 402 17.68 -16.06 9.31
N LYS A 403 16.42 -15.68 9.05
CA LYS A 403 15.30 -16.61 9.03
C LYS A 403 15.38 -17.63 7.89
N ALA A 404 16.44 -17.61 7.09
CA ALA A 404 16.57 -18.52 5.96
C ALA A 404 17.76 -19.44 6.17
N THR A 405 17.77 -20.53 5.41
CA THR A 405 18.87 -21.49 5.48
C THR A 405 20.21 -20.80 5.26
N GLN A 406 21.26 -21.35 5.88
CA GLN A 406 22.62 -20.94 5.52
C GLN A 406 22.85 -21.12 4.02
N ALA A 407 22.32 -22.21 3.46
CA ALA A 407 22.35 -22.42 2.02
C ALA A 407 21.90 -21.20 1.24
N GLU A 408 20.66 -20.75 1.45
CA GLU A 408 20.19 -19.61 0.66
C GLU A 408 20.77 -18.30 1.16
N ARG A 409 21.09 -18.20 2.45
CA ARG A 409 21.85 -17.04 2.93
C ARG A 409 23.09 -16.81 2.06
N GLU A 410 23.95 -17.83 1.95
CA GLU A 410 25.17 -17.72 1.16
C GLU A 410 24.86 -17.44 -0.31
N ALA A 411 23.82 -18.08 -0.85
CA ALA A 411 23.46 -17.85 -2.25
C ALA A 411 23.08 -16.40 -2.47
N ILE A 412 22.33 -15.80 -1.53
CA ILE A 412 21.96 -14.39 -1.63
C ILE A 412 23.20 -13.52 -1.55
N ILE A 413 24.04 -13.75 -0.53
CA ILE A 413 25.27 -12.98 -0.37
C ILE A 413 26.10 -12.99 -1.65
N PHE A 414 26.18 -14.15 -2.32
CA PHE A 414 26.96 -14.21 -3.54
C PHE A 414 26.24 -13.55 -4.71
N GLN A 415 24.92 -13.72 -4.81
CA GLN A 415 24.17 -13.05 -5.87
C GLN A 415 24.30 -11.53 -5.81
N TYR A 416 24.40 -10.94 -4.61
CA TYR A 416 24.54 -9.50 -4.47
C TYR A 416 25.94 -9.06 -4.06
N THR A 417 26.97 -9.81 -4.43
CA THR A 417 28.34 -9.33 -4.32
C THR A 417 28.68 -8.56 -5.58
N SER A 418 29.40 -7.44 -5.42
CA SER A 418 29.75 -6.56 -6.53
C SER A 418 31.26 -6.38 -6.58
N TRP A 419 31.92 -7.06 -7.49
CA TRP A 419 33.36 -6.89 -7.68
C TRP A 419 33.66 -5.63 -8.48
N GLU A 420 32.97 -5.44 -9.60
CA GLU A 420 33.28 -4.36 -10.55
C GLU A 420 32.83 -3.00 -10.07
N GLY A 421 31.94 -2.93 -9.10
CA GLY A 421 31.55 -1.64 -8.57
C GLY A 421 32.62 -1.06 -7.67
N ASN A 422 32.60 0.29 -7.56
CA ASN A 422 33.46 1.03 -6.64
C ASN A 422 33.31 0.41 -5.26
N PRO A 423 34.34 -0.29 -4.76
CA PRO A 423 34.24 -0.94 -3.46
C PRO A 423 33.60 -0.04 -2.42
N GLY A 424 32.52 -0.52 -1.82
CA GLY A 424 31.82 0.30 -0.86
C GLY A 424 30.49 0.79 -1.38
N TYR A 425 30.53 1.87 -2.17
CA TYR A 425 29.31 2.40 -2.78
C TYR A 425 28.51 1.29 -3.44
N GLN A 426 29.15 0.49 -4.28
CA GLN A 426 28.43 -0.58 -4.95
C GLN A 426 28.05 -1.70 -3.99
N ASN A 427 28.67 -1.78 -2.82
CA ASN A 427 28.22 -2.77 -1.86
C ASN A 427 27.00 -2.29 -1.09
N GLN A 428 26.99 -1.02 -0.66
CA GLN A 428 25.76 -0.42 -0.17
C GLN A 428 24.66 -0.57 -1.19
N GLN A 429 24.92 -0.13 -2.42
CA GLN A 429 23.92 -0.15 -3.48
C GLN A 429 23.42 -1.55 -3.76
N GLN A 430 24.24 -2.58 -3.55
CA GLN A 430 23.80 -3.94 -3.86
C GLN A 430 22.89 -4.53 -2.79
N ILE A 431 22.99 -4.06 -1.55
CA ILE A 431 22.02 -4.49 -0.54
C ILE A 431 20.66 -3.84 -0.81
N GLY A 432 20.66 -2.55 -1.15
CA GLY A 432 19.41 -1.90 -1.50
C GLY A 432 18.69 -2.58 -2.65
N ARG A 433 19.45 -3.19 -3.56
CA ARG A 433 18.86 -4.06 -4.55
C ARG A 433 18.33 -5.34 -3.91
N ALA A 434 19.15 -5.97 -3.06
CA ALA A 434 18.74 -7.24 -2.47
C ALA A 434 17.40 -7.09 -1.75
N VAL A 435 17.27 -6.04 -0.95
CA VAL A 435 16.03 -5.82 -0.22
C VAL A 435 14.93 -5.35 -1.16
N GLY A 436 15.24 -4.41 -2.06
CA GLY A 436 14.29 -4.06 -3.10
C GLY A 436 13.77 -5.27 -3.86
N ASP A 437 14.66 -6.20 -4.18
CA ASP A 437 14.28 -7.35 -4.98
C ASP A 437 13.46 -8.35 -4.16
N HIS A 438 13.99 -8.79 -3.04
CA HIS A 438 13.34 -9.86 -2.29
C HIS A 438 11.97 -9.44 -1.78
N PHE A 439 11.84 -8.17 -1.40
CA PHE A 439 10.68 -7.76 -0.65
C PHE A 439 9.60 -7.15 -1.52
N PHE A 440 9.95 -6.61 -2.68
CA PHE A 440 8.95 -5.91 -3.46
C PHE A 440 8.92 -6.37 -4.90
N THR A 441 9.99 -6.07 -5.66
CA THR A 441 9.94 -6.23 -7.11
C THR A 441 9.63 -7.67 -7.50
N CYS A 442 10.33 -8.62 -6.89
CA CYS A 442 10.28 -10.04 -7.27
C CYS A 442 9.01 -10.72 -6.75
N PRO A 443 8.52 -10.38 -5.55
CA PRO A 443 7.17 -10.85 -5.19
C PRO A 443 6.11 -10.33 -6.14
N THR A 444 6.13 -9.03 -6.45
CA THR A 444 5.13 -8.53 -7.39
C THR A 444 5.39 -9.06 -8.79
N ASN A 445 6.67 -9.29 -9.18
CA ASN A 445 6.94 -10.00 -10.43
C ASN A 445 6.30 -11.39 -10.40
N GLU A 446 6.50 -12.13 -9.32
CA GLU A 446 5.85 -13.43 -9.17
C GLU A 446 4.32 -13.30 -9.21
N TYR A 447 3.75 -12.42 -8.38
CA TYR A 447 2.30 -12.24 -8.42
C TYR A 447 1.85 -11.87 -9.82
N ALA A 448 2.57 -10.97 -10.48
CA ALA A 448 2.15 -10.57 -11.82
C ALA A 448 2.08 -11.77 -12.74
N GLN A 449 3.06 -12.66 -12.66
CA GLN A 449 3.01 -13.84 -13.50
C GLN A 449 1.85 -14.74 -13.12
N ALA A 450 1.64 -14.95 -11.81
CA ALA A 450 0.54 -15.80 -11.39
C ALA A 450 -0.80 -15.23 -11.84
N LEU A 451 -0.96 -13.90 -11.75
CA LEU A 451 -2.21 -13.26 -12.15
C LEU A 451 -2.51 -13.52 -13.62
N ALA A 452 -1.53 -13.28 -14.49
CA ALA A 452 -1.77 -13.49 -15.92
C ALA A 452 -2.08 -14.95 -16.22
N GLU A 453 -1.40 -15.87 -15.53
CA GLU A 453 -1.69 -17.29 -15.73
C GLU A 453 -3.17 -17.57 -15.46
N ARG A 454 -3.70 -16.99 -14.38
CA ARG A 454 -5.09 -17.18 -14.05
C ARG A 454 -6.03 -16.41 -14.97
N GLY A 455 -5.52 -15.65 -15.91
CA GLY A 455 -6.37 -15.00 -16.89
C GLY A 455 -6.46 -13.48 -16.80
N ALA A 456 -5.92 -12.85 -15.76
CA ALA A 456 -6.00 -11.39 -15.66
C ALA A 456 -5.19 -10.74 -16.77
N SER A 457 -5.62 -9.56 -17.20
CA SER A 457 -4.86 -8.77 -18.16
C SER A 457 -3.93 -7.87 -17.38
N VAL A 458 -2.66 -8.26 -17.31
CA VAL A 458 -1.66 -7.59 -16.49
C VAL A 458 -0.78 -6.73 -17.38
N HIS A 459 -0.66 -5.46 -17.04
CA HIS A 459 0.40 -4.62 -17.57
C HIS A 459 1.33 -4.27 -16.44
N TYR A 460 2.61 -4.25 -16.75
CA TYR A 460 3.67 -4.08 -15.77
C TYR A 460 4.43 -2.83 -16.14
N TYR A 461 4.82 -2.07 -15.13
CA TYR A 461 5.56 -0.83 -15.32
C TYR A 461 6.75 -0.90 -14.38
N TYR A 462 7.79 -0.14 -14.72
CA TYR A 462 8.97 0.00 -13.86
C TYR A 462 9.36 1.47 -13.83
N PHE A 463 9.33 2.08 -12.63
CA PHE A 463 9.51 3.52 -12.45
C PHE A 463 10.96 3.77 -12.05
N THR A 464 11.72 4.38 -12.94
CA THR A 464 13.17 4.49 -12.79
C THR A 464 13.65 5.93 -12.75
N HIS A 465 12.74 6.89 -12.88
CA HIS A 465 13.14 8.28 -12.83
C HIS A 465 13.29 8.73 -11.39
N ARG A 466 14.40 9.39 -11.08
CA ARG A 466 14.53 10.06 -9.80
C ARG A 466 14.07 11.50 -9.98
N THR A 467 12.97 11.84 -9.32
CA THR A 467 12.42 13.18 -9.40
C THR A 467 13.44 14.22 -8.93
N SER A 468 13.57 15.31 -9.70
CA SER A 468 14.63 16.28 -9.46
C SER A 468 14.59 16.90 -8.07
N THR A 469 13.43 16.90 -7.40
CA THR A 469 13.33 17.43 -6.05
C THR A 469 13.39 16.33 -4.99
N SER A 470 14.03 15.21 -5.29
CA SER A 470 14.18 14.16 -4.29
C SER A 470 15.05 14.70 -3.18
N LEU A 471 14.47 14.87 -2.01
CA LEU A 471 15.23 15.37 -0.89
C LEU A 471 15.96 14.25 -0.16
N TRP A 472 15.89 13.03 -0.69
CA TRP A 472 16.63 11.91 -0.15
C TRP A 472 18.05 11.89 -0.71
N GLY A 473 18.87 11.03 -0.14
CA GLY A 473 20.23 10.88 -0.64
C GLY A 473 20.24 10.32 -2.06
N GLU A 474 21.16 10.83 -2.88
CA GLU A 474 21.16 10.43 -4.28
C GLU A 474 21.41 8.94 -4.42
N TRP A 475 22.12 8.34 -3.48
CA TRP A 475 22.40 6.92 -3.53
C TRP A 475 21.14 6.08 -3.40
N MET A 476 20.12 6.58 -2.70
CA MET A 476 18.87 5.84 -2.62
C MET A 476 18.05 5.92 -3.90
N GLY A 477 18.51 6.68 -4.90
CA GLY A 477 17.87 6.75 -6.20
C GLY A 477 16.36 6.88 -6.19
N VAL A 478 15.67 5.86 -6.68
CA VAL A 478 14.23 5.91 -6.86
C VAL A 478 13.61 5.20 -5.67
N LEU A 479 13.30 5.97 -4.62
CA LEU A 479 12.74 5.40 -3.41
C LEU A 479 11.37 4.78 -3.65
N HIS A 480 11.06 3.84 -2.79
CA HIS A 480 9.71 3.32 -2.68
C HIS A 480 8.73 4.44 -2.31
N GLY A 481 7.67 4.56 -3.09
CA GLY A 481 6.69 5.60 -2.93
C GLY A 481 6.92 6.80 -3.83
N ASP A 482 8.11 6.93 -4.42
CA ASP A 482 8.40 8.02 -5.34
C ASP A 482 7.48 8.03 -6.55
N GLU A 483 6.86 6.91 -6.88
CA GLU A 483 6.00 6.90 -8.06
C GLU A 483 4.63 7.48 -7.76
N ILE A 484 4.24 7.52 -6.48
CA ILE A 484 2.92 7.99 -6.08
C ILE A 484 2.64 9.36 -6.71
N GLU A 485 3.43 10.37 -6.33
CA GLU A 485 3.12 11.74 -6.75
C GLU A 485 3.07 11.87 -8.25
N TYR A 486 3.74 10.97 -8.96
CA TYR A 486 3.79 10.98 -10.41
C TYR A 486 2.50 10.44 -11.02
N PHE A 487 2.04 9.29 -10.49
CA PHE A 487 0.77 8.73 -10.91
C PHE A 487 -0.42 9.62 -10.54
N PHE A 488 -0.29 10.44 -9.48
CA PHE A 488 -1.31 11.43 -9.13
C PHE A 488 -1.22 12.70 -9.97
N GLY A 489 -0.24 12.80 -10.84
CA GLY A 489 -0.12 13.94 -11.71
C GLY A 489 0.47 15.17 -11.06
N GLN A 490 1.08 15.04 -9.88
CA GLN A 490 1.58 16.22 -9.20
C GLN A 490 2.59 17.02 -10.02
N PRO A 491 3.43 16.42 -10.88
CA PRO A 491 4.24 17.25 -11.80
C PRO A 491 3.43 18.25 -12.57
N LEU A 492 2.15 17.96 -12.82
CA LEU A 492 1.37 18.93 -13.54
C LEU A 492 1.14 20.20 -12.72
N ASN A 493 1.37 20.13 -11.41
CA ASN A 493 1.17 21.28 -10.53
C ASN A 493 2.22 22.34 -10.78
N ASN A 494 1.90 23.31 -11.64
CA ASN A 494 2.85 24.37 -11.97
C ASN A 494 3.35 25.13 -10.74
N SER A 495 2.68 25.00 -9.59
CA SER A 495 3.19 25.61 -8.37
C SER A 495 4.21 24.74 -7.66
N LEU A 496 4.71 23.71 -8.36
CA LEU A 496 5.72 22.78 -7.85
C LEU A 496 6.83 22.68 -8.87
N GLN A 497 8.05 23.01 -8.48
CA GLN A 497 9.16 23.09 -9.43
C GLN A 497 9.61 21.70 -9.81
N TYR A 498 9.20 21.25 -10.98
CA TYR A 498 9.69 20.03 -11.60
C TYR A 498 10.23 20.41 -12.97
N ARG A 499 11.33 19.75 -13.42
CA ARG A 499 11.85 20.06 -14.74
CA ARG A 499 11.87 19.98 -14.76
C ARG A 499 10.75 19.81 -15.78
N PRO A 500 10.87 20.43 -16.96
CA PRO A 500 9.78 20.29 -17.96
C PRO A 500 9.42 18.86 -18.30
N VAL A 501 10.41 18.02 -18.63
CA VAL A 501 10.09 16.65 -19.03
C VAL A 501 9.63 15.81 -17.83
N GLU A 502 9.92 16.24 -16.61
CA GLU A 502 9.27 15.61 -15.47
C GLU A 502 7.77 15.90 -15.45
N ARG A 503 7.36 17.08 -15.91
CA ARG A 503 5.92 17.32 -16.02
C ARG A 503 5.32 16.44 -17.11
N GLU A 504 6.10 16.15 -18.16
CA GLU A 504 5.64 15.21 -19.18
C GLU A 504 5.67 13.77 -18.69
N LEU A 505 6.47 13.46 -17.67
CA LEU A 505 6.41 12.12 -17.09
C LEU A 505 5.21 11.97 -16.17
N GLY A 506 4.91 13.00 -15.37
CA GLY A 506 3.66 13.01 -14.64
C GLY A 506 2.47 12.94 -15.57
N LYS A 507 2.38 13.92 -16.48
CA LYS A 507 1.42 13.89 -17.59
C LYS A 507 1.19 12.49 -18.12
N ARG A 508 2.29 11.77 -18.43
CA ARG A 508 2.17 10.42 -18.98
C ARG A 508 1.75 9.42 -17.91
N MET A 509 2.42 9.46 -16.75
CA MET A 509 2.10 8.48 -15.72
C MET A 509 0.65 8.65 -15.23
N LEU A 510 0.24 9.91 -14.97
CA LEU A 510 -1.16 10.17 -14.63
C LEU A 510 -2.10 9.66 -15.70
N SER A 511 -1.78 9.92 -16.97
CA SER A 511 -2.63 9.46 -18.06
C SER A 511 -2.70 7.94 -18.15
N ALA A 512 -1.58 7.24 -17.93
CA ALA A 512 -1.64 5.78 -17.92
C ALA A 512 -2.61 5.28 -16.84
N VAL A 513 -2.65 5.95 -15.69
CA VAL A 513 -3.60 5.55 -14.65
C VAL A 513 -5.03 5.84 -15.09
N ILE A 514 -5.29 7.05 -15.61
CA ILE A 514 -6.63 7.37 -16.09
C ILE A 514 -7.04 6.40 -17.21
N GLU A 515 -6.19 6.26 -18.22
CA GLU A 515 -6.53 5.38 -19.34
C GLU A 515 -6.78 3.96 -18.86
N PHE A 516 -5.96 3.49 -17.92
CA PHE A 516 -6.21 2.19 -17.33
C PHE A 516 -7.60 2.12 -16.72
N ALA A 517 -7.91 3.08 -15.84
CA ALA A 517 -9.22 3.11 -15.21
C ALA A 517 -10.33 3.14 -16.25
N LYS A 518 -10.14 3.93 -17.31
CA LYS A 518 -11.20 4.04 -18.31
C LYS A 518 -11.34 2.76 -19.12
N THR A 519 -10.22 2.12 -19.45
CA THR A 519 -10.21 1.04 -20.43
C THR A 519 -9.61 -0.28 -19.94
N GLY A 520 -9.09 -0.35 -18.73
CA GLY A 520 -8.35 -1.53 -18.34
C GLY A 520 -6.99 -1.64 -18.99
N ASN A 521 -6.60 -0.66 -19.79
CA ASN A 521 -5.34 -0.72 -20.54
C ASN A 521 -4.61 0.60 -20.40
N PRO A 522 -3.46 0.62 -19.73
CA PRO A 522 -2.74 1.89 -19.54
C PRO A 522 -2.14 2.42 -20.81
N ALA A 523 -2.12 1.64 -21.88
CA ALA A 523 -1.40 2.05 -23.08
C ALA A 523 -2.14 3.19 -23.76
N GLN A 524 -1.37 4.00 -24.47
CA GLN A 524 -1.90 5.14 -25.19
C GLN A 524 -2.02 4.82 -26.68
N ASP A 525 -2.45 5.81 -27.45
CA ASP A 525 -2.51 5.64 -28.89
C ASP A 525 -1.11 5.62 -29.47
N GLY A 526 -0.86 4.69 -30.39
CA GLY A 526 0.42 4.66 -31.09
C GLY A 526 1.59 4.39 -30.18
N GLU A 527 1.29 4.15 -28.92
CA GLU A 527 2.29 3.74 -27.93
C GLU A 527 2.00 2.29 -27.60
N GLU A 528 2.96 1.42 -27.91
CA GLU A 528 2.81 0.03 -27.56
C GLU A 528 3.08 -0.14 -26.08
N TRP A 529 2.30 -1.01 -25.46
CA TRP A 529 2.52 -1.45 -24.09
C TRP A 529 1.74 -2.73 -23.92
N PRO A 530 2.30 -3.84 -24.37
CA PRO A 530 1.57 -5.10 -24.39
C PRO A 530 1.49 -5.71 -23.00
N ASN A 531 0.65 -6.73 -22.91
CA ASN A 531 0.44 -7.43 -21.65
C ASN A 531 1.72 -8.10 -21.17
N PHE A 532 1.80 -8.25 -19.86
CA PHE A 532 2.89 -8.92 -19.19
C PHE A 532 2.42 -10.33 -18.83
N SER A 533 3.09 -11.34 -19.38
CA SER A 533 2.84 -12.73 -19.01
C SER A 533 4.18 -13.38 -18.65
N LYS A 534 4.11 -14.56 -18.02
CA LYS A 534 5.34 -15.30 -17.77
C LYS A 534 6.12 -15.54 -19.06
N GLU A 535 5.40 -15.78 -20.16
CA GLU A 535 6.00 -16.06 -21.47
C GLU A 535 6.63 -14.83 -22.09
N ASP A 536 6.12 -13.65 -21.77
CA ASP A 536 6.62 -12.39 -22.33
C ASP A 536 6.51 -11.35 -21.22
N PRO A 537 7.40 -11.42 -20.23
CA PRO A 537 7.30 -10.53 -19.06
C PRO A 537 7.83 -9.14 -19.38
N VAL A 538 7.21 -8.50 -20.38
CA VAL A 538 7.57 -7.17 -20.85
C VAL A 538 6.95 -6.14 -19.92
N TYR A 539 7.66 -5.06 -19.66
CA TYR A 539 7.18 -4.00 -18.80
C TYR A 539 7.48 -2.65 -19.45
N TYR A 540 6.59 -1.69 -19.21
CA TYR A 540 6.84 -0.32 -19.60
C TYR A 540 7.75 0.33 -18.56
N ILE A 541 8.61 1.23 -19.02
CA ILE A 541 9.55 1.90 -18.14
C ILE A 541 9.24 3.37 -18.18
N PHE A 542 8.95 3.94 -17.02
CA PHE A 542 8.73 5.38 -16.92
C PHE A 542 10.04 6.02 -16.51
N SER A 543 10.57 6.86 -17.39
CA SER A 543 11.67 7.75 -17.02
C SER A 543 11.63 8.94 -17.96
N THR A 544 12.63 9.81 -17.85
CA THR A 544 12.71 11.00 -18.69
C THR A 544 14.03 11.10 -19.41
N ASP A 545 14.82 10.02 -19.38
CA ASP A 545 15.78 9.77 -20.44
C ASP A 545 15.01 9.24 -21.62
N ASP A 546 15.02 9.97 -22.73
CA ASP A 546 14.28 9.55 -23.91
C ASP A 546 15.11 8.67 -24.84
N LYS A 547 16.24 8.12 -24.35
CA LYS A 547 17.07 7.16 -25.08
C LYS A 547 17.23 5.85 -24.32
N ILE A 548 16.25 5.47 -23.52
CA ILE A 548 16.20 4.10 -23.05
C ILE A 548 15.12 3.40 -23.84
N GLU A 549 15.18 2.08 -23.86
CA GLU A 549 14.13 1.33 -24.52
C GLU A 549 12.92 1.30 -23.60
N LYS A 550 11.80 1.86 -24.07
CA LYS A 550 10.60 1.91 -23.24
C LYS A 550 10.16 0.53 -22.80
N LEU A 551 10.12 -0.42 -23.73
CA LEU A 551 9.75 -1.79 -23.42
C LEU A 551 11.01 -2.63 -23.20
N ALA A 552 10.98 -3.44 -22.14
CA ALA A 552 12.11 -4.23 -21.69
C ALA A 552 11.59 -5.52 -21.07
N ARG A 553 12.37 -6.58 -21.20
CA ARG A 553 11.98 -7.83 -20.54
C ARG A 553 13.10 -8.42 -19.69
N GLY A 554 14.34 -8.36 -20.17
CA GLY A 554 15.43 -9.10 -19.61
C GLY A 554 15.82 -8.78 -18.18
N PRO A 555 16.11 -7.51 -17.89
CA PRO A 555 16.71 -7.18 -16.57
C PRO A 555 15.88 -7.62 -15.38
N LEU A 556 14.60 -7.27 -15.31
CA LEU A 556 13.77 -7.69 -14.19
C LEU A 556 13.71 -9.20 -14.08
N ALA A 557 13.53 -9.87 -15.22
CA ALA A 557 13.40 -11.32 -15.19
C ALA A 557 14.65 -11.97 -14.63
N ALA A 558 15.82 -11.44 -15.00
CA ALA A 558 17.07 -11.95 -14.46
C ALA A 558 17.12 -11.78 -12.95
N ARG A 559 16.86 -10.55 -12.48
CA ARG A 559 16.91 -10.27 -11.04
C ARG A 559 15.96 -11.17 -10.27
N CYS A 560 14.80 -11.44 -10.81
CA CYS A 560 13.81 -12.19 -10.05
C CYS A 560 13.90 -13.69 -10.24
N SER A 561 14.62 -14.13 -11.29
CA SER A 561 14.94 -15.56 -11.47
C SER A 561 15.62 -16.12 -10.24
N PHE A 562 16.55 -15.36 -9.66
CA PHE A 562 17.17 -15.74 -8.40
C PHE A 562 16.13 -16.07 -7.34
N TRP A 563 15.27 -15.11 -7.02
CA TRP A 563 14.35 -15.26 -5.89
C TRP A 563 13.20 -16.20 -6.23
N ASN A 564 12.72 -16.13 -7.46
CA ASN A 564 11.50 -16.83 -7.82
C ASN A 564 11.73 -18.22 -8.41
N ASP A 565 12.91 -18.50 -8.96
CA ASP A 565 13.22 -19.82 -9.49
C ASP A 565 14.33 -20.50 -8.72
N TYR A 566 15.51 -19.88 -8.61
CA TYR A 566 16.69 -20.58 -8.13
C TYR A 566 16.66 -20.79 -6.62
N LEU A 567 16.45 -19.72 -5.86
CA LEU A 567 16.44 -19.85 -4.40
C LEU A 567 15.46 -20.91 -3.91
N PRO A 568 14.26 -21.06 -4.45
CA PRO A 568 13.41 -22.19 -4.02
C PRO A 568 14.11 -23.53 -4.12
N LYS A 569 14.98 -23.70 -5.11
CA LYS A 569 15.70 -24.96 -5.27
C LYS A 569 16.77 -25.13 -4.21
N VAL A 570 17.43 -24.03 -3.81
CA VAL A 570 18.40 -24.07 -2.73
C VAL A 570 17.73 -24.47 -1.43
N ARG A 571 16.44 -24.13 -1.27
CA ARG A 571 15.78 -24.46 -0.03
C ARG A 571 15.51 -25.95 0.11
N SER A 572 15.86 -26.76 -0.89
CA SER A 572 15.85 -28.21 -0.69
C SER A 572 17.02 -28.59 0.23
N TRP A 573 16.78 -28.44 1.53
CA TRP A 573 17.73 -28.75 2.63
C TRP A 573 19.16 -28.35 2.29
#